data_6K7T
#
_entry.id   6K7T
#
_cell.length_a   73.879
_cell.length_b   88.766
_cell.length_c   67.174
_cell.angle_alpha   90.00
_cell.angle_beta   90.00
_cell.angle_gamma   90.00
#
_symmetry.space_group_name_H-M   'P 21 21 2'
#
loop_
_entity.id
_entity.type
_entity.pdbx_description
1 polymer 'MHC class I antigen'
2 polymer Beta-2-microglobulin
3 polymer HeV1
4 water water
#
loop_
_entity_poly.entity_id
_entity_poly.type
_entity_poly.pdbx_seq_one_letter_code
_entity_poly.pdbx_strand_id
1 'polypeptide(L)'
;GFHSLRYFYTAWSRPGSGEPRFVAVGYVDDTQFVRFDSDNASPRAEPRAPWMDLVEQQDPQYWDRNTRNARDAAQTYRVG
LDNVRGYYNQSEAGSHTIQRMYGCDVGPHGRLLRGYDQLAYDGADYIALNEDLRSWTAADLAAQNTRRKWEEAGYAERDR
AYLEGECVEWLLKHLENGRETLLRADPPKTHITHHPISDREVTLRCWALGFYPEEITLTWQHDGEDQTQEMELVETRPDG
NGAFQKWAALVVPSGEEQRYTCHVQHEGLPQPLTLRW
;
A
2 'polypeptide(L)'
;IQRTPKIQVYSRHPAENGKSNFLNCYVSGFHPSDIEVDLLKNGERIEKVEHSDLSFSKDWSFYLLYYTEFTPTEKDEYAC
RVNHVTLSQPKIVKWDRDM
;
B
3 'polypeptide(L)' DFANTFLP C
#
# COMPACT_ATOMS: atom_id res chain seq x y z
N GLY A 1 -13.38 1.86 -18.33
CA GLY A 1 -12.65 2.68 -17.36
C GLY A 1 -13.46 2.80 -16.08
N PHE A 2 -12.78 3.02 -14.95
CA PHE A 2 -13.47 3.13 -13.68
C PHE A 2 -12.64 3.72 -12.56
N HIS A 3 -13.25 3.77 -11.39
CA HIS A 3 -12.57 4.15 -10.17
C HIS A 3 -12.85 3.09 -9.11
N SER A 4 -12.02 3.08 -8.08
CA SER A 4 -12.17 2.04 -7.07
C SER A 4 -11.95 2.59 -5.68
N LEU A 5 -12.70 2.05 -4.74
CA LEU A 5 -12.51 2.28 -3.31
C LEU A 5 -11.99 0.98 -2.72
N ARG A 6 -10.81 1.01 -2.10
CA ARG A 6 -10.15 -0.25 -1.73
C ARG A 6 -9.61 -0.14 -0.32
N TYR A 7 -9.87 -1.16 0.49
CA TYR A 7 -9.37 -1.21 1.86
C TYR A 7 -8.48 -2.41 2.07
N PHE A 8 -7.47 -2.24 2.94
CA PHE A 8 -6.44 -3.25 3.15
C PHE A 8 -6.23 -3.39 4.64
N TYR A 9 -6.45 -4.57 5.19
CA TYR A 9 -6.22 -4.84 6.61
C TYR A 9 -5.07 -5.82 6.74
N THR A 10 -4.20 -5.61 7.74
CA THR A 10 -3.21 -6.62 8.10
C THR A 10 -3.25 -6.84 9.61
N ALA A 11 -3.40 -8.08 10.06
CA ALA A 11 -3.37 -8.40 11.48
C ALA A 11 -2.30 -9.45 11.69
N TRP A 12 -1.40 -9.25 12.66
CA TRP A 12 -0.44 -10.31 12.84
C TRP A 12 -0.11 -10.50 14.32
N SER A 13 0.14 -11.75 14.67
CA SER A 13 0.48 -12.05 16.05
C SER A 13 1.96 -11.85 16.29
N ARG A 14 2.31 -11.58 17.55
CA ARG A 14 3.70 -11.33 17.92
C ARG A 14 3.99 -12.02 19.24
N PRO A 15 3.94 -13.35 19.29
CA PRO A 15 4.03 -14.06 20.57
C PRO A 15 5.21 -13.59 21.41
N GLY A 16 4.95 -13.31 22.68
CA GLY A 16 5.94 -12.74 23.57
C GLY A 16 5.99 -11.22 23.57
N SER A 17 5.42 -10.56 22.54
CA SER A 17 5.44 -9.11 22.44
C SER A 17 4.03 -8.54 22.46
N GLY A 18 3.22 -8.99 23.41
CA GLY A 18 1.90 -8.40 23.55
C GLY A 18 0.88 -8.89 22.55
N GLU A 19 -0.20 -8.13 22.48
CA GLU A 19 -1.33 -8.49 21.66
C GLU A 19 -0.96 -8.38 20.18
N PRO A 20 -1.69 -9.07 19.32
CA PRO A 20 -1.53 -8.87 17.88
C PRO A 20 -1.72 -7.41 17.48
N ARG A 21 -1.05 -7.03 16.42
CA ARG A 21 -1.16 -5.69 15.85
C ARG A 21 -2.11 -5.72 14.65
N PHE A 22 -2.83 -4.62 14.46
CA PHE A 22 -3.80 -4.49 13.38
C PHE A 22 -3.57 -3.14 12.70
N VAL A 23 -3.36 -3.15 11.39
CA VAL A 23 -3.23 -1.93 10.60
C VAL A 23 -4.27 -1.94 9.49
N ALA A 24 -4.98 -0.84 9.31
CA ALA A 24 -5.92 -0.71 8.19
C ALA A 24 -5.63 0.56 7.41
N VAL A 25 -5.67 0.44 6.09
CA VAL A 25 -5.55 1.61 5.23
C VAL A 25 -6.63 1.57 4.16
N GLY A 26 -7.00 2.75 3.69
CA GLY A 26 -7.97 2.87 2.61
C GLY A 26 -7.41 3.71 1.50
N TYR A 27 -7.75 3.34 0.27
CA TYR A 27 -7.35 4.04 -0.94
C TYR A 27 -8.56 4.37 -1.79
N VAL A 28 -8.48 5.48 -2.52
CA VAL A 28 -9.28 5.65 -3.74
C VAL A 28 -8.29 5.66 -4.89
N ASP A 29 -8.48 4.74 -5.84
CA ASP A 29 -7.48 4.53 -6.88
C ASP A 29 -6.07 4.42 -6.26
N ASP A 30 -5.13 5.27 -6.71
CA ASP A 30 -3.77 5.20 -6.22
C ASP A 30 -3.46 6.17 -5.07
N THR A 31 -4.49 6.75 -4.43
CA THR A 31 -4.30 7.71 -3.34
C THR A 31 -4.79 7.12 -2.01
N GLN A 32 -3.88 7.00 -1.05
CA GLN A 32 -4.27 6.61 0.29
C GLN A 32 -4.98 7.76 0.98
N PHE A 33 -6.10 7.49 1.65
CA PHE A 33 -6.83 8.57 2.32
C PHE A 33 -7.14 8.36 3.80
N VAL A 34 -7.02 7.16 4.35
CA VAL A 34 -7.30 6.90 5.76
C VAL A 34 -6.36 5.82 6.29
N ARG A 35 -6.06 5.86 7.59
CA ARG A 35 -5.27 4.83 8.22
C ARG A 35 -5.78 4.59 9.63
N PHE A 36 -5.45 3.41 10.16
CA PHE A 36 -5.69 3.08 11.56
C PHE A 36 -4.58 2.12 11.97
N ASP A 37 -3.99 2.34 13.15
CA ASP A 37 -2.92 1.46 13.64
C ASP A 37 -3.14 1.18 15.12
N SER A 38 -3.39 -0.09 15.44
CA SER A 38 -3.76 -0.45 16.80
C SER A 38 -2.62 -0.22 17.80
N ASP A 39 -1.38 -0.08 17.35
CA ASP A 39 -0.30 0.14 18.30
C ASP A 39 -0.23 1.58 18.82
N ASN A 40 -0.92 2.52 18.19
CA ASN A 40 -1.02 3.86 18.75
C ASN A 40 -1.70 3.79 20.12
N ALA A 41 -1.33 4.73 20.99
CA ALA A 41 -2.10 4.89 22.22
C ALA A 41 -3.41 5.60 21.91
N SER A 42 -4.51 5.10 22.51
CA SER A 42 -5.89 5.45 22.15
C SER A 42 -6.01 5.60 20.64
N PRO A 43 -5.90 4.52 19.88
CA PRO A 43 -5.75 4.65 18.42
C PRO A 43 -7.03 5.14 17.77
N ARG A 44 -6.89 6.00 16.76
CA ARG A 44 -8.03 6.53 16.03
C ARG A 44 -7.79 6.34 14.54
N ALA A 45 -8.88 6.26 13.80
CA ALA A 45 -8.77 6.46 12.37
C ALA A 45 -8.36 7.88 12.09
N GLU A 46 -7.50 8.05 11.09
CA GLU A 46 -6.83 9.33 10.86
C GLU A 46 -6.82 9.63 9.37
N PRO A 47 -6.98 10.89 8.99
CA PRO A 47 -6.91 11.25 7.56
C PRO A 47 -5.50 11.23 7.00
N ARG A 48 -5.41 10.87 5.70
CA ARG A 48 -4.12 10.81 5.02
C ARG A 48 -4.15 11.44 3.62
N ALA A 49 -5.21 12.14 3.27
CA ALA A 49 -5.34 12.88 2.01
C ALA A 49 -6.06 14.18 2.33
N PRO A 50 -5.85 15.22 1.50
CA PRO A 50 -6.33 16.55 1.91
C PRO A 50 -7.83 16.65 2.15
N TRP A 51 -8.67 16.05 1.30
CA TRP A 51 -10.11 16.22 1.46
C TRP A 51 -10.61 15.59 2.76
N MET A 52 -9.89 14.60 3.30
CA MET A 52 -10.32 14.02 4.57
C MET A 52 -10.09 14.95 5.75
N ASP A 53 -9.35 16.04 5.56
CA ASP A 53 -9.28 17.06 6.61
C ASP A 53 -10.58 17.85 6.70
N LEU A 54 -11.44 17.74 5.70
CA LEU A 54 -12.71 18.47 5.65
C LEU A 54 -13.92 17.58 5.89
N VAL A 55 -13.77 16.25 5.91
CA VAL A 55 -14.94 15.39 5.94
C VAL A 55 -15.76 15.64 7.20
N GLU A 56 -15.11 16.09 8.28
CA GLU A 56 -15.78 16.39 9.55
C GLU A 56 -16.84 17.47 9.39
N GLN A 57 -16.68 18.36 8.41
CA GLN A 57 -17.67 19.42 8.20
C GLN A 57 -19.03 18.85 7.82
N GLN A 58 -19.07 17.98 6.83
CA GLN A 58 -20.33 17.41 6.39
C GLN A 58 -20.69 16.14 7.13
N ASP A 59 -19.74 15.56 7.85
CA ASP A 59 -19.94 14.26 8.52
C ASP A 59 -19.21 14.29 9.85
N PRO A 60 -19.78 14.98 10.84
CA PRO A 60 -19.07 15.20 12.10
C PRO A 60 -18.76 13.94 12.85
N GLN A 61 -19.53 12.86 12.63
CA GLN A 61 -19.29 11.58 13.27
C GLN A 61 -18.37 10.65 12.49
N TYR A 62 -17.79 11.09 11.36
CA TYR A 62 -17.01 10.15 10.54
C TYR A 62 -15.89 9.49 11.35
N TRP A 63 -15.13 10.29 12.10
CA TRP A 63 -13.94 9.77 12.73
C TRP A 63 -14.30 8.90 13.92
N ASP A 64 -15.34 9.28 14.69
CA ASP A 64 -15.77 8.42 15.79
C ASP A 64 -16.31 7.09 15.28
N ARG A 65 -17.11 7.14 14.22
CA ARG A 65 -17.73 5.95 13.66
C ARG A 65 -16.68 4.98 13.17
N ASN A 66 -15.73 5.49 12.40
CA ASN A 66 -14.74 4.57 11.83
C ASN A 66 -13.67 4.17 12.83
N THR A 67 -13.36 5.01 13.83
CA THR A 67 -12.50 4.57 14.93
C THR A 67 -13.15 3.41 15.68
N ARG A 68 -14.46 3.51 15.97
CA ARG A 68 -15.14 2.42 16.67
C ARG A 68 -15.11 1.14 15.85
N ASN A 69 -15.39 1.25 14.56
CA ASN A 69 -15.33 0.07 13.68
C ASN A 69 -13.95 -0.56 13.69
N ALA A 70 -12.89 0.27 13.54
CA ALA A 70 -11.54 -0.27 13.45
C ALA A 70 -11.07 -0.87 14.76
N ARG A 71 -11.37 -0.22 15.90
CA ARG A 71 -11.03 -0.83 17.19
C ARG A 71 -11.71 -2.17 17.35
N ASP A 72 -12.98 -2.26 16.97
CA ASP A 72 -13.68 -3.54 17.03
C ASP A 72 -13.04 -4.55 16.09
N ALA A 73 -12.66 -4.12 14.88
CA ALA A 73 -12.06 -5.06 13.92
C ALA A 73 -10.73 -5.59 14.45
N ALA A 74 -9.97 -4.73 15.13
CA ALA A 74 -8.71 -5.19 15.68
C ALA A 74 -8.93 -6.30 16.70
N GLN A 75 -9.93 -6.13 17.57
CA GLN A 75 -10.23 -7.16 18.57
C GLN A 75 -10.74 -8.43 17.91
N THR A 76 -11.56 -8.30 16.87
CA THR A 76 -12.06 -9.48 16.18
C THR A 76 -10.93 -10.26 15.53
N TYR A 77 -10.02 -9.59 14.84
CA TYR A 77 -8.94 -10.32 14.16
C TYR A 77 -7.89 -10.84 15.15
N ARG A 78 -7.85 -10.32 16.37
CA ARG A 78 -7.02 -10.94 17.41
C ARG A 78 -7.51 -12.35 17.70
N VAL A 79 -8.83 -12.48 17.87
CA VAL A 79 -9.40 -13.79 18.10
C VAL A 79 -9.35 -14.59 16.80
N GLY A 80 -9.47 -13.92 15.65
CA GLY A 80 -9.38 -14.63 14.38
C GLY A 80 -8.03 -15.27 14.19
N LEU A 81 -6.96 -14.63 14.65
CA LEU A 81 -5.64 -15.25 14.55
C LEU A 81 -5.58 -16.52 15.38
N ASP A 82 -6.21 -16.50 16.56
CA ASP A 82 -6.24 -17.71 17.37
C ASP A 82 -7.06 -18.81 16.70
N ASN A 83 -8.22 -18.46 16.14
CA ASN A 83 -9.06 -19.45 15.48
C ASN A 83 -8.30 -20.12 14.35
N VAL A 84 -7.72 -19.32 13.45
CA VAL A 84 -7.10 -19.88 12.25
C VAL A 84 -5.88 -20.70 12.62
N ARG A 85 -5.09 -20.25 13.59
CA ARG A 85 -3.99 -21.05 14.12
C ARG A 85 -4.50 -22.43 14.52
N GLY A 86 -5.66 -22.47 15.20
CA GLY A 86 -6.24 -23.73 15.60
C GLY A 86 -6.70 -24.59 14.43
N TYR A 87 -7.31 -23.96 13.41
CA TYR A 87 -7.76 -24.74 12.24
C TYR A 87 -6.59 -25.48 11.59
N TYR A 88 -5.42 -24.85 11.55
CA TYR A 88 -4.19 -25.39 10.96
C TYR A 88 -3.37 -26.21 11.95
N ASN A 89 -3.86 -26.40 13.17
CA ASN A 89 -3.13 -27.14 14.21
C ASN A 89 -1.71 -26.59 14.42
N GLN A 90 -1.61 -25.27 14.50
CA GLN A 90 -0.33 -24.61 14.69
C GLN A 90 -0.07 -24.26 16.14
N SER A 91 1.20 -24.14 16.48
CA SER A 91 1.56 -23.85 17.86
C SER A 91 1.35 -22.37 18.15
N GLU A 92 1.24 -22.06 19.43
CA GLU A 92 1.14 -20.67 19.87
C GLU A 92 2.46 -19.92 19.81
N ALA A 93 3.55 -20.56 19.39
CA ALA A 93 4.87 -19.95 19.48
C ALA A 93 5.20 -19.07 18.29
N GLY A 94 4.60 -19.31 17.12
CA GLY A 94 4.95 -18.59 15.93
C GLY A 94 4.06 -17.39 15.64
N SER A 95 4.62 -16.45 14.89
CA SER A 95 3.87 -15.30 14.37
C SER A 95 3.18 -15.68 13.07
N HIS A 96 1.91 -15.28 12.94
CA HIS A 96 1.12 -15.53 11.74
C HIS A 96 0.39 -14.26 11.36
N THR A 97 -0.04 -14.21 10.09
CA THR A 97 -0.61 -12.99 9.52
C THR A 97 -1.96 -13.28 8.87
N ILE A 98 -2.98 -12.47 9.18
CA ILE A 98 -4.22 -12.43 8.40
C ILE A 98 -4.23 -11.13 7.61
N GLN A 99 -4.55 -11.21 6.32
CA GLN A 99 -4.75 -10.01 5.53
C GLN A 99 -6.14 -10.02 4.92
N ARG A 100 -6.73 -8.83 4.77
CA ARG A 100 -8.02 -8.72 4.09
C ARG A 100 -7.95 -7.58 3.09
N MET A 101 -8.50 -7.79 1.90
CA MET A 101 -8.68 -6.69 0.96
C MET A 101 -10.09 -6.74 0.44
N TYR A 102 -10.77 -5.60 0.49
CA TYR A 102 -12.15 -5.52 0.00
C TYR A 102 -12.39 -4.18 -0.65
N GLY A 103 -13.45 -4.09 -1.43
CA GLY A 103 -13.69 -2.83 -2.11
C GLY A 103 -14.59 -2.99 -3.32
N CYS A 104 -14.67 -1.91 -4.08
CA CYS A 104 -15.58 -1.89 -5.23
C CYS A 104 -14.95 -1.14 -6.40
N ASP A 105 -15.15 -1.69 -7.61
CA ASP A 105 -14.78 -1.06 -8.88
C ASP A 105 -16.06 -0.51 -9.49
N VAL A 106 -16.03 0.77 -9.89
CA VAL A 106 -17.23 1.48 -10.32
C VAL A 106 -16.93 2.20 -11.61
N GLY A 107 -17.77 1.98 -12.63
CA GLY A 107 -17.59 2.61 -13.92
C GLY A 107 -18.29 3.95 -14.00
N PRO A 108 -18.24 4.53 -15.19
CA PRO A 108 -18.95 5.78 -15.45
C PRO A 108 -20.41 5.57 -15.08
N HIS A 109 -21.08 6.63 -14.62
CA HIS A 109 -22.50 6.55 -14.24
C HIS A 109 -22.78 6.02 -12.83
N GLY A 110 -21.73 5.58 -12.13
CA GLY A 110 -21.87 5.05 -10.78
C GLY A 110 -22.45 3.67 -10.56
N ARG A 111 -22.24 2.76 -11.50
CA ARG A 111 -22.74 1.40 -11.36
C ARG A 111 -21.61 0.48 -10.86
N LEU A 112 -21.96 -0.40 -9.94
CA LEU A 112 -20.98 -1.37 -9.43
C LEU A 112 -20.60 -2.33 -10.54
N LEU A 113 -19.30 -2.39 -10.86
CA LEU A 113 -18.80 -3.35 -11.86
C LEU A 113 -18.28 -4.63 -11.22
N ARG A 114 -17.73 -4.53 -10.01
CA ARG A 114 -17.21 -5.71 -9.33
C ARG A 114 -17.07 -5.35 -7.86
N GLY A 115 -17.57 -6.21 -6.99
CA GLY A 115 -17.30 -6.12 -5.55
C GLY A 115 -16.43 -7.28 -5.14
N TYR A 116 -15.60 -7.08 -4.11
CA TYR A 116 -14.72 -8.16 -3.67
C TYR A 116 -14.43 -8.05 -2.16
N ASP A 117 -14.12 -9.21 -1.55
CA ASP A 117 -13.70 -9.29 -0.15
C ASP A 117 -12.88 -10.57 -0.06
N GLN A 118 -11.56 -10.41 -0.02
CA GLN A 118 -10.63 -11.54 -0.04
C GLN A 118 -9.80 -11.55 1.23
N LEU A 119 -9.52 -12.75 1.76
CA LEU A 119 -8.61 -12.87 2.90
C LEU A 119 -7.46 -13.81 2.58
N ALA A 120 -6.32 -13.53 3.21
CA ALA A 120 -5.16 -14.39 3.13
C ALA A 120 -4.68 -14.77 4.52
N TYR A 121 -4.05 -15.94 4.62
CA TYR A 121 -3.35 -16.36 5.84
C TYR A 121 -1.91 -16.70 5.48
N ASP A 122 -0.97 -16.08 6.20
CA ASP A 122 0.46 -16.26 5.99
C ASP A 122 0.84 -16.10 4.52
N GLY A 123 0.26 -15.10 3.88
CA GLY A 123 0.65 -14.70 2.54
C GLY A 123 0.03 -15.48 1.42
N ALA A 124 -0.93 -16.36 1.71
CA ALA A 124 -1.60 -17.16 0.69
C ALA A 124 -3.10 -17.06 0.83
N ASP A 125 -3.80 -17.24 -0.28
CA ASP A 125 -5.26 -17.18 -0.30
C ASP A 125 -5.85 -18.05 0.81
N TYR A 126 -6.85 -17.52 1.51
CA TYR A 126 -7.53 -18.25 2.55
C TYR A 126 -9.02 -18.39 2.22
N ILE A 127 -9.76 -17.29 2.08
CA ILE A 127 -11.17 -17.36 1.68
C ILE A 127 -11.49 -16.10 0.90
N ALA A 128 -12.48 -16.20 -0.01
CA ALA A 128 -12.90 -15.04 -0.79
C ALA A 128 -14.40 -15.06 -1.04
N LEU A 129 -15.00 -13.87 -1.05
CA LEU A 129 -16.38 -13.69 -1.49
C LEU A 129 -16.44 -13.93 -3.00
N ASN A 130 -17.37 -14.77 -3.43
CA ASN A 130 -17.58 -15.01 -4.86
C ASN A 130 -18.13 -13.76 -5.55
N GLU A 131 -17.89 -13.70 -6.87
CA GLU A 131 -18.24 -12.51 -7.64
C GLU A 131 -19.72 -12.16 -7.52
N ASP A 132 -20.59 -13.13 -7.31
CA ASP A 132 -22.01 -12.86 -7.16
C ASP A 132 -22.37 -12.27 -5.79
N LEU A 133 -21.37 -12.17 -4.91
CA LEU A 133 -21.52 -11.60 -3.57
C LEU A 133 -22.53 -12.35 -2.70
N ARG A 134 -22.77 -13.65 -2.98
CA ARG A 134 -23.76 -14.44 -2.25
C ARG A 134 -23.22 -15.67 -1.57
N SER A 135 -21.96 -16.03 -1.78
CA SER A 135 -21.38 -17.22 -1.18
C SER A 135 -19.87 -17.03 -1.18
N TRP A 136 -19.18 -18.00 -0.58
CA TRP A 136 -17.74 -17.90 -0.32
C TRP A 136 -17.01 -19.09 -0.92
N THR A 137 -15.74 -18.87 -1.30
CA THR A 137 -14.84 -19.96 -1.73
C THR A 137 -13.66 -20.09 -0.80
N ALA A 138 -13.57 -21.23 -0.10
CA ALA A 138 -12.40 -21.52 0.72
C ALA A 138 -11.26 -22.02 -0.17
N ALA A 139 -10.05 -21.58 0.14
CA ALA A 139 -8.91 -21.89 -0.71
C ALA A 139 -8.26 -23.22 -0.35
N ASP A 140 -8.57 -23.77 0.80
CA ASP A 140 -8.02 -25.05 1.24
C ASP A 140 -8.96 -25.63 2.27
N LEU A 141 -8.57 -26.78 2.82
CA LEU A 141 -9.47 -27.49 3.73
C LEU A 141 -9.63 -26.76 5.06
N ALA A 142 -8.55 -26.17 5.58
CA ALA A 142 -8.67 -25.46 6.86
C ALA A 142 -9.62 -24.29 6.75
N ALA A 143 -9.60 -23.58 5.63
CA ALA A 143 -10.48 -22.45 5.46
C ALA A 143 -11.96 -22.82 5.37
N GLN A 144 -12.29 -24.11 5.18
CA GLN A 144 -13.69 -24.51 5.16
C GLN A 144 -14.34 -24.31 6.53
N ASN A 145 -13.53 -24.28 7.60
CA ASN A 145 -14.04 -23.92 8.93
C ASN A 145 -14.65 -22.54 8.92
N THR A 146 -13.98 -21.60 8.25
CA THR A 146 -14.53 -20.25 8.15
C THR A 146 -15.68 -20.20 7.16
N ARG A 147 -15.54 -20.87 6.02
CA ARG A 147 -16.63 -20.84 5.05
C ARG A 147 -17.93 -21.36 5.65
N ARG A 148 -17.87 -22.48 6.39
CA ARG A 148 -19.10 -22.99 6.99
C ARG A 148 -19.70 -21.96 7.95
N LYS A 149 -18.86 -21.35 8.79
CA LYS A 149 -19.32 -20.36 9.77
C LYS A 149 -19.98 -19.18 9.05
N TRP A 150 -19.34 -18.68 7.99
CA TRP A 150 -19.82 -17.47 7.35
C TRP A 150 -21.06 -17.72 6.50
N GLU A 151 -21.13 -18.90 5.87
CA GLU A 151 -22.34 -19.32 5.18
C GLU A 151 -23.54 -19.37 6.12
N GLU A 152 -23.39 -20.08 7.26
CA GLU A 152 -24.53 -20.22 8.17
C GLU A 152 -24.92 -18.89 8.78
N ALA A 153 -23.96 -18.02 9.01
CA ALA A 153 -24.22 -16.72 9.63
C ALA A 153 -24.84 -15.74 8.67
N GLY A 154 -24.77 -15.98 7.37
CA GLY A 154 -25.34 -15.08 6.39
C GLY A 154 -24.52 -13.85 6.12
N TYR A 155 -23.20 -13.92 6.34
CA TYR A 155 -22.38 -12.72 6.22
C TYR A 155 -22.23 -12.24 4.78
N ALA A 156 -22.40 -13.11 3.78
CA ALA A 156 -22.35 -12.63 2.40
C ALA A 156 -23.40 -11.54 2.17
N GLU A 157 -24.57 -11.68 2.78
CA GLU A 157 -25.62 -10.70 2.59
C GLU A 157 -25.21 -9.34 3.15
N ARG A 158 -24.53 -9.32 4.29
CA ARG A 158 -24.03 -8.07 4.86
C ARG A 158 -22.94 -7.47 3.98
N ASP A 159 -22.03 -8.29 3.45
CA ASP A 159 -21.01 -7.79 2.54
C ASP A 159 -21.64 -7.23 1.28
N ARG A 160 -22.62 -7.95 0.75
CA ARG A 160 -23.31 -7.55 -0.47
C ARG A 160 -23.94 -6.17 -0.30
N ALA A 161 -24.58 -5.96 0.84
CA ALA A 161 -25.21 -4.67 1.12
C ALA A 161 -24.20 -3.54 1.18
N TYR A 162 -23.04 -3.80 1.79
CA TYR A 162 -22.00 -2.79 1.81
C TYR A 162 -21.45 -2.52 0.42
N LEU A 163 -21.09 -3.59 -0.30
CA LEU A 163 -20.41 -3.41 -1.57
C LEU A 163 -21.32 -2.75 -2.62
N GLU A 164 -22.61 -3.11 -2.63
CA GLU A 164 -23.53 -2.53 -3.60
C GLU A 164 -24.01 -1.16 -3.18
N GLY A 165 -23.95 -0.83 -1.89
CA GLY A 165 -24.52 0.41 -1.41
C GLY A 165 -23.47 1.37 -0.91
N GLU A 166 -23.09 1.22 0.36
CA GLU A 166 -22.13 2.13 1.00
C GLU A 166 -20.83 2.29 0.24
N CYS A 167 -20.25 1.19 -0.27
CA CYS A 167 -18.97 1.30 -0.96
C CYS A 167 -19.09 2.22 -2.16
N VAL A 168 -20.11 2.01 -2.99
CA VAL A 168 -20.30 2.84 -4.18
C VAL A 168 -20.55 4.28 -3.77
N GLU A 169 -21.41 4.47 -2.76
CA GLU A 169 -21.76 5.83 -2.35
C GLU A 169 -20.55 6.56 -1.83
N TRP A 170 -19.74 5.90 -1.01
CA TRP A 170 -18.56 6.57 -0.46
C TRP A 170 -17.55 6.83 -1.56
N LEU A 171 -17.41 5.92 -2.52
CA LEU A 171 -16.49 6.19 -3.61
C LEU A 171 -16.87 7.48 -4.32
N LEU A 172 -18.16 7.66 -4.62
CA LEU A 172 -18.62 8.88 -5.29
C LEU A 172 -18.41 10.11 -4.42
N LYS A 173 -18.69 10.01 -3.12
CA LYS A 173 -18.43 11.14 -2.23
C LYS A 173 -16.94 11.50 -2.23
N HIS A 174 -16.05 10.51 -2.11
CA HIS A 174 -14.64 10.84 -2.05
C HIS A 174 -14.14 11.41 -3.36
N LEU A 175 -14.62 10.87 -4.49
CA LEU A 175 -14.19 11.37 -5.79
C LEU A 175 -14.50 12.85 -5.95
N GLU A 176 -15.70 13.27 -5.54
CA GLU A 176 -16.05 14.68 -5.68
C GLU A 176 -15.38 15.54 -4.61
N ASN A 177 -15.40 15.10 -3.35
CA ASN A 177 -14.78 15.90 -2.31
C ASN A 177 -13.29 15.97 -2.50
N GLY A 178 -12.70 14.92 -3.08
CA GLY A 178 -11.27 14.84 -3.31
C GLY A 178 -10.87 15.12 -4.75
N ARG A 179 -11.72 15.78 -5.53
CA ARG A 179 -11.52 15.97 -6.97
C ARG A 179 -10.11 16.43 -7.31
N GLU A 180 -9.62 17.45 -6.62
CA GLU A 180 -8.36 18.04 -7.06
C GLU A 180 -7.21 17.08 -6.86
N THR A 181 -7.36 16.14 -5.92
CA THR A 181 -6.35 15.09 -5.74
C THR A 181 -6.62 13.91 -6.65
N LEU A 182 -7.86 13.45 -6.70
CA LEU A 182 -8.15 12.16 -7.31
C LEU A 182 -8.41 12.24 -8.80
N LEU A 183 -9.02 13.32 -9.27
CA LEU A 183 -9.42 13.37 -10.67
C LEU A 183 -8.37 14.04 -11.53
N ARG A 184 -7.24 14.42 -10.93
CA ARG A 184 -6.12 14.93 -11.72
C ARG A 184 -5.50 13.81 -12.54
N ALA A 185 -4.90 14.19 -13.66
CA ALA A 185 -4.10 13.27 -14.47
C ALA A 185 -2.80 14.00 -14.77
N ASP A 186 -1.87 13.96 -13.81
CA ASP A 186 -0.63 14.72 -13.89
C ASP A 186 0.39 13.99 -14.75
N PRO A 187 0.90 14.59 -15.82
CA PRO A 187 1.79 13.88 -16.71
C PRO A 187 3.19 13.81 -16.12
N PRO A 188 3.99 12.84 -16.55
CA PRO A 188 5.37 12.78 -16.06
C PRO A 188 6.17 13.98 -16.56
N LYS A 189 7.05 14.46 -15.69
CA LYS A 189 8.16 15.32 -16.14
C LYS A 189 9.26 14.40 -16.65
N THR A 190 9.70 14.61 -17.89
CA THR A 190 10.52 13.62 -18.57
C THR A 190 11.84 14.23 -19.03
N HIS A 191 12.91 13.44 -18.97
CA HIS A 191 14.22 13.87 -19.44
C HIS A 191 15.16 12.68 -19.45
N ILE A 192 16.23 12.80 -20.25
CA ILE A 192 17.23 11.75 -20.41
C ILE A 192 18.53 12.21 -19.76
N THR A 193 19.19 11.30 -19.04
CA THR A 193 20.50 11.58 -18.47
C THR A 193 21.53 10.65 -19.10
N HIS A 194 22.80 11.02 -18.95
CA HIS A 194 23.87 10.44 -19.75
C HIS A 194 25.07 10.17 -18.86
N HIS A 195 25.49 8.90 -18.78
CA HIS A 195 26.57 8.45 -17.90
C HIS A 195 27.51 7.49 -18.64
N PRO A 196 28.72 7.91 -18.99
CA PRO A 196 29.61 7.03 -19.74
C PRO A 196 30.27 5.98 -18.84
N ILE A 197 30.41 4.77 -19.38
CA ILE A 197 31.11 3.70 -18.68
C ILE A 197 32.29 3.23 -19.53
N VAL A 202 28.45 3.60 -22.37
CA VAL A 202 27.60 4.74 -22.02
C VAL A 202 26.18 4.29 -21.65
N THR A 203 25.68 4.81 -20.53
CA THR A 203 24.32 4.54 -20.06
C THR A 203 23.43 5.73 -20.39
N LEU A 204 22.34 5.46 -21.10
CA LEU A 204 21.25 6.42 -21.25
C LEU A 204 20.13 6.01 -20.31
N ARG A 205 19.55 6.98 -19.61
CA ARG A 205 18.52 6.72 -18.61
C ARG A 205 17.36 7.68 -18.86
N CYS A 206 16.19 7.14 -19.19
CA CYS A 206 14.99 7.92 -19.42
C CYS A 206 14.20 7.99 -18.12
N TRP A 207 13.95 9.20 -17.64
CA TRP A 207 13.27 9.42 -16.36
C TRP A 207 11.82 9.84 -16.61
N ALA A 208 10.92 9.39 -15.73
CA ALA A 208 9.57 9.90 -15.64
C ALA A 208 9.27 10.20 -14.18
N LEU A 209 8.98 11.47 -13.85
CA LEU A 209 8.87 11.93 -12.48
C LEU A 209 7.57 12.69 -12.21
N GLY A 210 7.05 12.50 -10.99
CA GLY A 210 5.91 13.27 -10.52
C GLY A 210 4.57 12.99 -11.17
N PHE A 211 4.37 11.80 -11.73
CA PHE A 211 3.14 11.55 -12.47
C PHE A 211 2.10 10.86 -11.59
N TYR A 212 0.85 11.01 -12.00
CA TYR A 212 -0.31 10.40 -11.34
C TYR A 212 -1.42 10.25 -12.37
N PRO A 213 -2.10 9.09 -12.46
CA PRO A 213 -1.98 7.85 -11.68
C PRO A 213 -0.71 7.08 -11.91
N GLU A 214 -0.60 5.92 -11.26
CA GLU A 214 0.63 5.13 -11.24
C GLU A 214 0.92 4.49 -12.60
N GLU A 215 -0.12 4.13 -13.33
CA GLU A 215 0.05 3.46 -14.62
C GLU A 215 0.91 4.30 -15.56
N ILE A 216 1.93 3.69 -16.14
CA ILE A 216 2.76 4.36 -17.14
C ILE A 216 3.43 3.30 -17.99
N THR A 217 3.82 3.69 -19.21
CA THR A 217 4.58 2.82 -20.10
C THR A 217 5.87 3.54 -20.50
N LEU A 218 7.00 2.92 -20.19
CA LEU A 218 8.32 3.45 -20.53
C LEU A 218 9.02 2.47 -21.45
N THR A 219 9.45 2.95 -22.61
CA THR A 219 10.06 2.06 -23.58
C THR A 219 11.22 2.77 -24.28
N TRP A 220 12.23 1.98 -24.64
CA TRP A 220 13.39 2.49 -25.37
C TRP A 220 13.35 2.09 -26.85
N MET A 231 17.43 -3.74 -21.75
CA MET A 231 17.27 -2.53 -20.94
C MET A 231 16.96 -2.89 -19.50
N GLU A 232 17.12 -1.91 -18.62
CA GLU A 232 16.75 -2.03 -17.22
C GLU A 232 15.58 -1.09 -16.95
N LEU A 233 14.45 -1.67 -16.54
CA LEU A 233 13.25 -0.93 -16.20
C LEU A 233 12.97 -1.15 -14.72
N VAL A 234 13.06 -0.09 -13.91
CA VAL A 234 12.82 -0.24 -12.49
C VAL A 234 11.33 -0.23 -12.21
N GLU A 235 10.95 -0.85 -11.10
CA GLU A 235 9.54 -0.82 -10.70
C GLU A 235 9.12 0.61 -10.38
N THR A 236 7.88 0.94 -10.74
CA THR A 236 7.32 2.25 -10.42
C THR A 236 7.31 2.42 -8.90
N ARG A 237 7.68 3.61 -8.43
CA ARG A 237 7.95 3.86 -7.02
C ARG A 237 7.30 5.17 -6.61
N PRO A 238 6.81 5.26 -5.37
CA PRO A 238 6.21 6.51 -4.90
C PRO A 238 7.24 7.60 -4.66
N ASP A 239 6.83 8.84 -4.89
CA ASP A 239 7.81 9.88 -4.65
C ASP A 239 7.70 10.45 -3.24
N GLY A 240 6.68 10.05 -2.49
CA GLY A 240 6.49 10.50 -1.15
C GLY A 240 5.62 11.73 -1.04
N ASN A 241 5.24 12.33 -2.17
CA ASN A 241 4.39 13.51 -2.22
C ASN A 241 3.07 13.21 -2.93
N GLY A 242 2.67 11.95 -2.98
CA GLY A 242 1.44 11.60 -3.64
C GLY A 242 1.55 11.29 -5.12
N ALA A 243 2.76 11.20 -5.67
CA ALA A 243 2.92 10.87 -7.08
C ALA A 243 3.92 9.73 -7.25
N PHE A 244 4.40 9.50 -8.49
CA PHE A 244 5.19 8.30 -8.78
C PHE A 244 6.37 8.64 -9.69
N GLN A 245 7.36 7.74 -9.68
CA GLN A 245 8.55 7.83 -10.53
C GLN A 245 8.83 6.49 -11.20
N LYS A 246 9.51 6.56 -12.35
CA LYS A 246 10.02 5.37 -13.04
C LYS A 246 11.17 5.82 -13.92
N TRP A 247 12.11 4.90 -14.17
CA TRP A 247 13.10 5.14 -15.23
C TRP A 247 13.42 3.85 -15.96
N ALA A 248 13.96 4.04 -17.17
CA ALA A 248 14.42 2.95 -18.02
C ALA A 248 15.82 3.31 -18.54
N ALA A 249 16.75 2.36 -18.45
CA ALA A 249 18.13 2.63 -18.89
C ALA A 249 18.76 1.49 -19.67
N TYR A 260 18.82 6.30 -30.68
CA TYR A 260 17.96 5.75 -29.62
C TYR A 260 16.93 6.78 -29.17
N THR A 261 15.69 6.33 -29.02
CA THR A 261 14.61 7.17 -28.53
C THR A 261 13.87 6.46 -27.41
N CYS A 262 13.38 7.25 -26.47
CA CYS A 262 12.57 6.79 -25.36
C CYS A 262 11.14 7.31 -25.57
N HIS A 263 10.16 6.43 -25.40
CA HIS A 263 8.76 6.78 -25.60
C HIS A 263 7.97 6.53 -24.32
N VAL A 264 7.08 7.47 -24.01
CA VAL A 264 6.37 7.52 -22.74
C VAL A 264 4.88 7.57 -23.03
N GLN A 265 4.13 6.60 -22.50
CA GLN A 265 2.67 6.63 -22.53
C GLN A 265 2.16 6.80 -21.10
N HIS A 266 1.36 7.84 -20.90
CA HIS A 266 0.72 8.12 -19.61
C HIS A 266 -0.64 8.75 -19.87
N GLU A 267 -1.58 8.46 -18.96
CA GLU A 267 -2.93 9.02 -19.09
C GLU A 267 -2.92 10.56 -19.20
N GLY A 268 -1.98 11.22 -18.54
CA GLY A 268 -1.91 12.67 -18.52
C GLY A 268 -1.20 13.29 -19.70
N LEU A 269 -0.80 12.48 -20.67
CA LEU A 269 -0.15 12.96 -21.88
C LEU A 269 -1.12 12.87 -23.05
N PRO A 270 -1.54 14.00 -23.62
CA PRO A 270 -2.43 13.95 -24.80
C PRO A 270 -1.99 12.95 -25.86
N GLN A 271 -0.69 12.84 -26.11
CA GLN A 271 -0.15 11.88 -27.06
C GLN A 271 1.18 11.35 -26.55
N PRO A 272 1.56 10.13 -26.93
CA PRO A 272 2.81 9.55 -26.42
C PRO A 272 4.02 10.39 -26.81
N LEU A 273 4.82 10.75 -25.81
CA LEU A 273 5.99 11.59 -26.03
C LEU A 273 7.15 10.77 -26.56
N THR A 274 8.04 11.44 -27.30
CA THR A 274 9.29 10.87 -27.78
C THR A 274 10.43 11.77 -27.34
N LEU A 275 11.49 11.17 -26.79
CA LEU A 275 12.65 11.91 -26.31
C LEU A 275 13.93 11.26 -26.81
N ARG A 276 14.95 12.10 -27.03
CA ARG A 276 16.25 11.63 -27.43
C ARG A 276 17.31 12.54 -26.81
N TRP A 277 18.52 12.01 -26.66
CA TRP A 277 19.61 12.74 -26.02
C TRP A 277 20.20 13.81 -26.92
N ILE B 1 4.27 -18.51 3.47
CA ILE B 1 4.92 -17.83 2.38
C ILE B 1 5.92 -16.83 2.94
N GLN B 2 7.14 -16.85 2.41
CA GLN B 2 8.13 -15.83 2.75
C GLN B 2 8.70 -15.24 1.46
N ARG B 3 8.82 -13.91 1.45
CA ARG B 3 9.28 -13.17 0.28
C ARG B 3 10.28 -12.12 0.71
N THR B 4 11.42 -12.06 0.01
CA THR B 4 12.45 -11.12 0.37
C THR B 4 12.15 -9.74 -0.22
N PRO B 5 12.51 -8.67 0.50
CA PRO B 5 12.18 -7.32 0.01
C PRO B 5 13.00 -6.90 -1.21
N LYS B 6 12.31 -6.27 -2.15
CA LYS B 6 12.95 -5.43 -3.17
C LYS B 6 13.21 -4.06 -2.57
N ILE B 7 14.34 -3.45 -2.94
CA ILE B 7 14.80 -2.19 -2.34
C ILE B 7 15.16 -1.20 -3.43
N GLN B 8 14.60 0.01 -3.35
CA GLN B 8 15.08 1.14 -4.15
C GLN B 8 15.34 2.30 -3.21
N VAL B 9 16.48 2.97 -3.39
CA VAL B 9 16.88 4.13 -2.60
C VAL B 9 17.04 5.29 -3.57
N TYR B 10 16.41 6.42 -3.26
CA TYR B 10 16.32 7.49 -4.25
C TYR B 10 15.85 8.76 -3.58
N SER B 11 15.99 9.87 -4.27
CA SER B 11 15.50 11.15 -3.77
C SER B 11 14.18 11.52 -4.44
N ARG B 12 13.37 12.32 -3.74
CA ARG B 12 12.09 12.75 -4.29
C ARG B 12 12.27 13.61 -5.53
N HIS B 13 13.25 14.52 -5.52
CA HIS B 13 13.59 15.38 -6.63
C HIS B 13 15.02 15.13 -7.05
N PRO B 14 15.38 15.42 -8.31
CA PRO B 14 16.77 15.26 -8.73
C PRO B 14 17.69 16.03 -7.79
N ALA B 15 18.72 15.35 -7.30
CA ALA B 15 19.53 15.90 -6.23
C ALA B 15 20.33 17.08 -6.77
N GLU B 16 20.34 18.16 -6.02
CA GLU B 16 21.20 19.30 -6.29
C GLU B 16 21.84 19.68 -4.97
N ASN B 17 23.17 19.65 -4.92
CA ASN B 17 23.83 19.82 -3.62
C ASN B 17 23.48 21.18 -3.05
N GLY B 18 23.23 21.19 -1.74
CA GLY B 18 22.87 22.41 -1.05
C GLY B 18 21.40 22.76 -1.11
N LYS B 19 20.58 21.97 -1.80
CA LYS B 19 19.15 22.22 -1.87
C LYS B 19 18.40 21.12 -1.12
N SER B 20 17.34 21.51 -0.42
CA SER B 20 16.63 20.58 0.43
C SER B 20 15.89 19.54 -0.40
N ASN B 21 15.82 18.31 0.12
CA ASN B 21 15.27 17.20 -0.64
C ASN B 21 14.70 16.16 0.34
N PHE B 22 14.27 15.02 -0.20
CA PHE B 22 13.81 13.90 0.62
C PHE B 22 14.57 12.67 0.18
N LEU B 23 15.10 11.93 1.13
CA LEU B 23 15.75 10.65 0.86
C LEU B 23 14.72 9.54 1.10
N ASN B 24 14.49 8.71 0.09
CA ASN B 24 13.46 7.68 0.15
C ASN B 24 14.10 6.30 0.07
N CYS B 25 13.55 5.35 0.82
CA CYS B 25 13.89 3.95 0.68
C CYS B 25 12.57 3.19 0.57
N TYR B 26 12.30 2.64 -0.62
CA TYR B 26 11.06 1.94 -0.90
C TYR B 26 11.34 0.45 -0.85
N VAL B 27 10.67 -0.25 0.06
CA VAL B 27 10.81 -1.69 0.23
C VAL B 27 9.48 -2.32 -0.15
N SER B 28 9.53 -3.35 -0.99
CA SER B 28 8.27 -3.86 -1.54
C SER B 28 8.42 -5.35 -1.84
N GLY B 29 7.29 -6.01 -2.05
CA GLY B 29 7.33 -7.40 -2.43
C GLY B 29 7.64 -8.40 -1.32
N PHE B 30 7.57 -7.99 -0.05
CA PHE B 30 8.07 -8.85 1.03
C PHE B 30 6.92 -9.43 1.86
N HIS B 31 7.27 -10.47 2.62
CA HIS B 31 6.33 -11.15 3.50
C HIS B 31 7.17 -12.00 4.44
N PRO B 32 6.92 -11.99 5.76
CA PRO B 32 5.88 -11.26 6.47
C PRO B 32 6.20 -9.77 6.65
N SER B 33 5.37 -9.06 7.42
CA SER B 33 5.41 -7.59 7.37
C SER B 33 6.49 -7.00 8.26
N ASP B 34 6.93 -7.69 9.31
CA ASP B 34 7.97 -7.14 10.18
C ASP B 34 9.27 -6.97 9.39
N ILE B 35 9.81 -5.77 9.42
CA ILE B 35 10.98 -5.43 8.63
C ILE B 35 11.67 -4.29 9.36
N GLU B 36 13.01 -4.28 9.30
CA GLU B 36 13.80 -3.21 9.89
C GLU B 36 14.44 -2.44 8.74
N VAL B 37 14.17 -1.13 8.69
CA VAL B 37 14.71 -0.27 7.65
C VAL B 37 15.36 0.92 8.33
N ASP B 38 16.64 1.12 8.07
CA ASP B 38 17.39 2.27 8.56
C ASP B 38 17.98 3.00 7.39
N LEU B 39 17.89 4.33 7.41
CA LEU B 39 18.65 5.17 6.51
C LEU B 39 19.97 5.51 7.18
N LEU B 40 21.06 5.45 6.41
CA LEU B 40 22.40 5.65 6.94
C LEU B 40 23.02 6.91 6.33
N LYS B 41 23.72 7.67 7.16
CA LYS B 41 24.51 8.81 6.70
C LYS B 41 25.96 8.55 7.10
N ASN B 42 26.84 8.40 6.10
CA ASN B 42 28.22 7.99 6.37
C ASN B 42 28.26 6.79 7.32
N GLY B 43 27.36 5.84 7.09
CA GLY B 43 27.30 4.62 7.87
C GLY B 43 26.59 4.70 9.21
N GLU B 44 26.10 5.88 9.61
CA GLU B 44 25.44 6.07 10.89
C GLU B 44 23.93 6.28 10.72
N ARG B 45 23.19 5.84 11.73
CA ARG B 45 21.73 5.80 11.67
C ARG B 45 21.12 7.19 11.82
N ILE B 46 20.24 7.52 10.89
CA ILE B 46 19.58 8.79 10.91
C ILE B 46 18.40 8.62 11.85
N GLU B 47 18.26 9.57 12.76
CA GLU B 47 17.20 9.54 13.74
C GLU B 47 15.92 10.13 13.18
N LYS B 48 14.81 9.78 13.80
CA LYS B 48 13.49 10.26 13.40
C LYS B 48 13.05 9.94 11.96
N VAL B 49 13.55 8.85 11.38
CA VAL B 49 13.14 8.50 10.03
C VAL B 49 11.69 8.09 10.12
N GLU B 50 10.89 8.53 9.16
CA GLU B 50 9.47 8.17 9.17
C GLU B 50 9.19 7.12 8.12
N HIS B 51 7.97 6.57 8.15
CA HIS B 51 7.58 5.62 7.11
C HIS B 51 6.08 5.73 6.83
N SER B 52 5.71 5.28 5.64
CA SER B 52 4.34 5.21 5.17
C SER B 52 3.57 4.12 5.95
N ASP B 53 2.24 4.12 5.78
CA ASP B 53 1.42 3.13 6.48
C ASP B 53 1.46 1.80 5.74
N LEU B 54 1.54 0.70 6.50
CA LEU B 54 1.68 -0.62 5.90
C LEU B 54 0.52 -0.93 4.96
N SER B 55 0.87 -1.32 3.72
CA SER B 55 -0.13 -1.72 2.73
C SER B 55 0.44 -2.90 1.97
N PHE B 56 -0.34 -3.43 1.04
CA PHE B 56 0.11 -4.60 0.30
C PHE B 56 -0.52 -4.64 -1.09
N SER B 57 0.13 -5.40 -1.95
CA SER B 57 -0.26 -5.58 -3.34
C SER B 57 -1.27 -6.72 -3.47
N LYS B 58 -1.80 -6.87 -4.70
CA LYS B 58 -2.79 -7.93 -4.95
C LYS B 58 -2.24 -9.34 -4.71
N ASP B 59 -0.90 -9.53 -4.81
CA ASP B 59 -0.29 -10.83 -4.49
C ASP B 59 -0.01 -11.03 -3.01
N TRP B 60 -0.53 -10.13 -2.16
CA TRP B 60 -0.46 -10.10 -0.70
C TRP B 60 0.89 -9.59 -0.16
N SER B 61 1.85 -9.26 -1.02
CA SER B 61 3.15 -8.83 -0.55
C SER B 61 3.11 -7.37 -0.09
N PHE B 62 3.89 -7.05 0.92
CA PHE B 62 3.81 -5.75 1.56
C PHE B 62 4.72 -4.72 0.89
N TYR B 63 4.36 -3.44 1.07
CA TYR B 63 5.26 -2.37 0.63
C TYR B 63 5.18 -1.19 1.61
N LEU B 64 6.32 -0.51 1.78
CA LEU B 64 6.51 0.59 2.72
C LEU B 64 7.48 1.58 2.09
N LEU B 65 7.27 2.88 2.33
CA LEU B 65 8.24 3.90 1.98
C LEU B 65 8.82 4.47 3.27
N TYR B 66 10.15 4.46 3.39
CA TYR B 66 10.83 5.14 4.50
C TYR B 66 11.47 6.40 3.95
N TYR B 67 11.46 7.47 4.74
CA TYR B 67 11.88 8.74 4.18
C TYR B 67 12.35 9.69 5.27
N THR B 68 13.11 10.70 4.85
CA THR B 68 13.59 11.76 5.72
C THR B 68 14.01 12.94 4.85
N GLU B 69 13.82 14.15 5.37
CA GLU B 69 14.39 15.32 4.72
C GLU B 69 15.90 15.26 4.80
N PHE B 70 16.55 15.74 3.74
CA PHE B 70 18.01 15.88 3.79
C PHE B 70 18.44 16.89 2.75
N THR B 71 19.65 17.40 2.94
CA THR B 71 20.28 18.26 1.94
C THR B 71 21.52 17.57 1.41
N PRO B 72 21.50 17.11 0.16
CA PRO B 72 22.64 16.39 -0.40
C PRO B 72 23.88 17.28 -0.42
N THR B 73 25.04 16.64 -0.28
CA THR B 73 26.33 17.30 -0.46
C THR B 73 27.18 16.44 -1.39
N GLU B 74 28.32 16.98 -1.81
CA GLU B 74 29.16 16.24 -2.74
C GLU B 74 29.72 14.99 -2.09
N LYS B 75 30.05 15.05 -0.80
CA LYS B 75 30.84 14.02 -0.15
C LYS B 75 30.05 13.10 0.78
N ASP B 76 28.90 13.51 1.28
CA ASP B 76 28.14 12.69 2.22
C ASP B 76 27.59 11.46 1.51
N GLU B 77 27.67 10.31 2.17
CA GLU B 77 27.21 9.05 1.61
C GLU B 77 25.96 8.61 2.35
N TYR B 78 24.90 8.32 1.61
CA TYR B 78 23.67 7.83 2.21
C TYR B 78 23.42 6.41 1.73
N ALA B 79 22.78 5.63 2.59
CA ALA B 79 22.37 4.28 2.22
C ALA B 79 21.11 3.90 2.96
N CYS B 80 20.57 2.75 2.59
CA CYS B 80 19.42 2.16 3.25
C CYS B 80 19.82 0.75 3.67
N ARG B 81 19.58 0.41 4.93
CA ARG B 81 19.98 -0.88 5.50
C ARG B 81 18.71 -1.62 5.88
N VAL B 82 18.47 -2.78 5.24
CA VAL B 82 17.22 -3.50 5.39
C VAL B 82 17.52 -4.85 6.01
N ASN B 83 16.78 -5.20 7.06
CA ASN B 83 16.84 -6.55 7.59
C ASN B 83 15.45 -7.14 7.64
N HIS B 84 15.39 -8.45 7.43
CA HIS B 84 14.15 -9.18 7.27
C HIS B 84 14.45 -10.65 7.50
N VAL B 85 13.42 -11.41 7.88
CA VAL B 85 13.69 -12.81 8.21
C VAL B 85 14.27 -13.55 7.02
N THR B 86 13.95 -13.12 5.79
CA THR B 86 14.45 -13.80 4.61
C THR B 86 15.92 -13.53 4.34
N LEU B 87 16.53 -12.61 5.07
CA LEU B 87 17.88 -12.12 4.81
C LEU B 87 18.84 -12.68 5.84
N SER B 88 19.81 -13.47 5.39
CA SER B 88 20.79 -14.05 6.29
C SER B 88 21.67 -12.99 6.93
N GLN B 89 21.81 -11.81 6.30
CA GLN B 89 22.52 -10.68 6.88
C GLN B 89 21.90 -9.41 6.32
N PRO B 90 21.97 -8.30 7.05
CA PRO B 90 21.31 -7.07 6.58
C PRO B 90 21.82 -6.64 5.23
N LYS B 91 20.92 -6.10 4.41
CA LYS B 91 21.24 -5.69 3.05
C LYS B 91 21.38 -4.18 3.01
N ILE B 92 22.50 -3.70 2.47
CA ILE B 92 22.74 -2.25 2.36
C ILE B 92 22.73 -1.88 0.88
N VAL B 93 21.92 -0.86 0.55
CA VAL B 93 21.85 -0.33 -0.80
C VAL B 93 22.26 1.13 -0.72
N LYS B 94 23.30 1.51 -1.46
CA LYS B 94 23.80 2.88 -1.42
C LYS B 94 22.94 3.81 -2.26
N TRP B 95 22.72 5.03 -1.75
CA TRP B 95 22.07 6.02 -2.58
C TRP B 95 23.00 6.45 -3.70
N ASP B 96 22.48 6.38 -4.92
CA ASP B 96 23.21 6.81 -6.09
C ASP B 96 22.36 7.88 -6.75
N ARG B 97 22.94 9.08 -6.81
CA ARG B 97 22.37 10.28 -7.40
C ARG B 97 21.67 10.11 -8.75
N ASP B 98 22.23 9.30 -9.64
CA ASP B 98 21.63 9.04 -10.93
C ASP B 98 20.89 7.69 -10.98
N MET B 99 20.82 6.96 -9.87
CA MET B 99 20.16 5.65 -9.85
C MET B 99 20.95 4.60 -10.64
N ASP C 1 -16.85 4.81 4.69
CA ASP C 1 -16.71 4.00 5.92
C ASP C 1 -16.07 2.64 5.63
N PHE C 2 -15.37 2.12 6.64
CA PHE C 2 -15.00 0.72 6.68
C PHE C 2 -16.25 -0.16 6.62
N ALA C 3 -16.09 -1.35 6.04
CA ALA C 3 -17.13 -2.37 6.00
C ALA C 3 -17.25 -3.07 7.36
N ASN C 4 -18.19 -4.03 7.44
CA ASN C 4 -18.24 -4.91 8.59
C ASN C 4 -17.00 -5.78 8.61
N THR C 5 -16.63 -6.26 9.80
CA THR C 5 -15.59 -7.30 9.92
C THR C 5 -16.23 -8.58 10.43
N PHE C 6 -15.85 -9.71 9.84
CA PHE C 6 -16.36 -11.01 10.22
C PHE C 6 -15.21 -11.85 10.76
N LEU C 7 -15.47 -12.56 11.86
CA LEU C 7 -14.46 -13.37 12.50
C LEU C 7 -14.22 -14.66 11.72
N PRO C 8 -12.99 -14.93 11.27
CA PRO C 8 -12.65 -16.19 10.59
C PRO C 8 -12.79 -17.38 11.52
#